data_2HO7
#
_entry.id   2HO7
#
_cell.length_a   181.443
_cell.length_b   40.840
_cell.length_c   72.097
_cell.angle_alpha   90.00
_cell.angle_beta   90.00
_cell.angle_gamma   90.00
#
_symmetry.space_group_name_H-M   'P 21 21 2'
#
loop_
_entity.id
_entity.type
_entity.pdbx_description
1 polymer 'glmS ribozyme substrate RNA'
2 polymer 'glmS ribozyme RNA'
3 non-polymer 6-O-phosphono-alpha-D-glucopyranose
4 non-polymer 'MAGNESIUM ION'
5 water water
#
loop_
_entity_poly.entity_id
_entity_poly.type
_entity_poly.pdbx_seq_one_letter_code
_entity_poly.pdbx_strand_id
1 'polyribonucleotide' AGCGCCUGGACUUAAAGCCAUUGCACU A
2 'polyribonucleotide'
;CCGGCUUUAAGUUGACGAGGGCAGGGUUUAUCGAGACAUCGGCGGGUGCCCUGCGGUCUUCCUGCGACCGUUAGAGGACU
GGUAAAACCACAGGCGACUGUGGCAUAGAGCAGUCCGGGCAGGA(A23)
;
B
#